data_2MWE
#
_entry.id   2MWE
#
_entity_poly.entity_id   1
_entity_poly.type   'polypeptide(L)'
_entity_poly.pdbx_seq_one_letter_code
;SEWTERKTADGKTYYYNNRTAESTWEKP
;
_entity_poly.pdbx_strand_id   A
#
# COMPACT_ATOMS: atom_id res chain seq x y z
N SER A 1 -0.10 11.43 -2.14
CA SER A 1 -0.43 10.92 -3.49
C SER A 1 0.68 9.99 -4.01
N GLU A 2 1.74 9.86 -3.22
CA GLU A 2 2.91 9.07 -3.61
C GLU A 2 2.78 7.63 -3.14
N TRP A 3 1.86 7.40 -2.21
CA TRP A 3 1.61 6.06 -1.71
C TRP A 3 0.53 5.39 -2.55
N THR A 4 0.86 4.27 -3.16
CA THR A 4 -0.07 3.53 -3.99
C THR A 4 -0.83 2.50 -3.17
N GLU A 5 -2.14 2.57 -3.21
CA GLU A 5 -2.94 1.53 -2.57
C GLU A 5 -3.20 0.44 -3.59
N ARG A 6 -2.63 -0.72 -3.34
CA ARG A 6 -2.71 -1.80 -4.30
C ARG A 6 -3.91 -2.66 -4.01
N LYS A 7 -4.87 -2.59 -4.91
CA LYS A 7 -6.14 -3.27 -4.72
C LYS A 7 -6.07 -4.67 -5.29
N THR A 8 -5.70 -5.61 -4.45
CA THR A 8 -5.73 -7.02 -4.83
C THR A 8 -7.08 -7.64 -4.51
N ALA A 9 -7.59 -8.44 -5.45
CA ALA A 9 -8.90 -9.07 -5.31
C ALA A 9 -8.90 -10.14 -4.23
N ASP A 10 -7.78 -10.25 -3.53
CA ASP A 10 -7.64 -11.15 -2.40
C ASP A 10 -8.39 -10.58 -1.19
N GLY A 11 -8.91 -9.37 -1.36
CA GLY A 11 -9.66 -8.72 -0.31
C GLY A 11 -8.79 -7.88 0.60
N LYS A 12 -7.73 -7.30 0.03
CA LYS A 12 -6.84 -6.44 0.80
C LYS A 12 -6.21 -5.37 -0.09
N THR A 13 -6.16 -4.15 0.44
CA THR A 13 -5.43 -3.06 -0.21
C THR A 13 -4.25 -2.67 0.68
N TYR A 14 -3.13 -2.31 0.07
CA TYR A 14 -1.94 -1.97 0.84
C TYR A 14 -1.17 -0.85 0.17
N TYR A 15 -0.64 0.06 0.97
CA TYR A 15 0.01 1.24 0.43
C TYR A 15 1.49 0.96 0.21
N TYR A 16 1.82 0.52 -0.99
CA TYR A 16 3.18 0.20 -1.33
C TYR A 16 3.89 1.40 -1.91
N ASN A 17 5.01 1.75 -1.30
CA ASN A 17 5.84 2.84 -1.79
C ASN A 17 7.29 2.40 -1.73
N ASN A 18 8.01 2.65 -2.81
CA ASN A 18 9.43 2.30 -2.91
C ASN A 18 10.26 3.12 -1.93
N ARG A 19 9.66 4.19 -1.40
CA ARG A 19 10.31 5.03 -0.39
C ARG A 19 10.75 4.18 0.81
N THR A 20 9.91 3.23 1.18
CA THR A 20 10.24 2.28 2.24
C THR A 20 10.37 0.87 1.64
N ALA A 21 9.99 0.73 0.37
CA ALA A 21 10.00 -0.56 -0.32
C ALA A 21 9.07 -1.54 0.38
N GLU A 22 8.06 -1.00 1.04
CA GLU A 22 7.21 -1.78 1.92
C GLU A 22 5.75 -1.43 1.71
N SER A 23 4.88 -2.40 1.94
CA SER A 23 3.45 -2.17 1.89
C SER A 23 2.95 -1.77 3.28
N THR A 24 2.45 -0.55 3.38
CA THR A 24 1.99 -0.02 4.64
C THR A 24 0.50 -0.33 4.81
N TRP A 25 0.16 -0.91 5.95
CA TRP A 25 -1.22 -1.27 6.25
C TRP A 25 -1.80 -0.29 7.26
N GLU A 26 -0.91 0.39 7.97
CA GLU A 26 -1.31 1.35 8.99
C GLU A 26 -1.94 2.59 8.34
N LYS A 27 -2.87 3.21 9.05
CA LYS A 27 -3.58 4.38 8.56
C LYS A 27 -2.73 5.64 8.72
N PRO A 28 -2.31 6.27 7.60
CA PRO A 28 -1.63 7.56 7.63
C PRO A 28 -2.61 8.70 7.89
N SER A 1 1.21 11.63 -3.32
CA SER A 1 1.41 10.95 -4.62
C SER A 1 2.40 9.80 -4.48
N GLU A 2 2.76 9.49 -3.23
CA GLU A 2 3.79 8.50 -2.95
C GLU A 2 3.17 7.21 -2.40
N TRP A 3 1.87 7.25 -2.14
CA TRP A 3 1.19 6.14 -1.50
C TRP A 3 0.36 5.34 -2.49
N THR A 4 0.78 4.10 -2.73
CA THR A 4 0.08 3.24 -3.66
C THR A 4 -1.00 2.44 -2.95
N GLU A 5 -2.20 2.45 -3.51
CA GLU A 5 -3.25 1.57 -3.05
C GLU A 5 -3.16 0.27 -3.84
N ARG A 6 -2.79 -0.80 -3.18
CA ARG A 6 -2.68 -2.06 -3.88
C ARG A 6 -3.89 -2.91 -3.59
N LYS A 7 -4.83 -2.84 -4.51
CA LYS A 7 -6.12 -3.47 -4.33
C LYS A 7 -6.16 -4.81 -5.06
N THR A 8 -5.85 -5.86 -4.34
CA THR A 8 -5.89 -7.19 -4.88
C THR A 8 -7.27 -7.81 -4.69
N ALA A 9 -7.65 -8.70 -5.60
CA ALA A 9 -8.98 -9.29 -5.61
C ALA A 9 -9.18 -10.28 -4.46
N ASP A 10 -8.18 -10.37 -3.59
CA ASP A 10 -8.30 -11.15 -2.37
C ASP A 10 -9.11 -10.37 -1.35
N GLY A 11 -9.40 -9.13 -1.69
CA GLY A 11 -10.20 -8.29 -0.84
C GLY A 11 -9.35 -7.50 0.14
N LYS A 12 -8.15 -7.11 -0.30
CA LYS A 12 -7.28 -6.33 0.55
C LYS A 12 -6.65 -5.18 -0.22
N THR A 13 -6.73 -4.00 0.36
CA THR A 13 -6.10 -2.82 -0.21
C THR A 13 -5.05 -2.30 0.78
N TYR A 14 -3.83 -2.06 0.31
CA TYR A 14 -2.74 -1.73 1.21
C TYR A 14 -1.82 -0.71 0.59
N TYR A 15 -1.19 0.10 1.44
CA TYR A 15 -0.35 1.18 0.96
C TYR A 15 1.08 0.69 0.79
N TYR A 16 1.52 0.58 -0.43
CA TYR A 16 2.90 0.23 -0.68
C TYR A 16 3.72 1.51 -0.75
N ASN A 17 4.77 1.58 0.05
CA ASN A 17 5.61 2.75 0.12
C ASN A 17 6.73 2.61 -0.90
N ASN A 18 6.66 3.37 -1.97
CA ASN A 18 7.63 3.26 -3.06
C ASN A 18 8.91 4.04 -2.75
N ARG A 19 8.94 4.73 -1.62
CA ARG A 19 10.11 5.50 -1.23
C ARG A 19 11.12 4.58 -0.54
N THR A 20 10.63 3.79 0.39
CA THR A 20 11.48 2.85 1.13
C THR A 20 11.25 1.41 0.66
N ALA A 21 10.26 1.25 -0.22
CA ALA A 21 9.89 -0.07 -0.77
C ALA A 21 9.30 -0.97 0.31
N GLU A 22 8.68 -0.36 1.31
CA GLU A 22 8.12 -1.09 2.43
C GLU A 22 6.60 -1.23 2.28
N SER A 23 6.06 -2.31 2.81
CA SER A 23 4.62 -2.53 2.78
C SER A 23 3.98 -1.91 4.02
N THR A 24 3.20 -0.87 3.81
CA THR A 24 2.58 -0.13 4.90
C THR A 24 1.11 -0.53 5.05
N TRP A 25 0.83 -1.32 6.08
CA TRP A 25 -0.53 -1.77 6.35
C TRP A 25 -1.19 -0.84 7.35
N GLU A 26 -0.39 0.00 7.98
CA GLU A 26 -0.88 1.08 8.82
C GLU A 26 -1.27 2.25 7.95
N LYS A 27 -2.57 2.46 7.79
CA LYS A 27 -3.06 3.45 6.84
C LYS A 27 -3.42 4.78 7.50
N PRO A 28 -2.71 5.85 7.14
CA PRO A 28 -3.07 7.21 7.54
C PRO A 28 -4.45 7.58 7.01
N SER A 1 1.60 11.48 -6.52
CA SER A 1 1.17 10.49 -5.51
C SER A 1 2.25 9.45 -5.27
N GLU A 2 2.78 9.46 -4.05
CA GLU A 2 3.85 8.55 -3.67
C GLU A 2 3.28 7.32 -2.96
N TRP A 3 2.02 7.41 -2.58
CA TRP A 3 1.35 6.31 -1.93
C TRP A 3 0.50 5.52 -2.91
N THR A 4 0.87 4.27 -3.15
CA THR A 4 0.06 3.41 -3.98
C THR A 4 -0.84 2.54 -3.12
N GLU A 5 -2.14 2.67 -3.30
CA GLU A 5 -3.09 1.82 -2.62
C GLU A 5 -3.33 0.59 -3.50
N ARG A 6 -2.83 -0.56 -3.06
CA ARG A 6 -2.84 -1.74 -3.90
C ARG A 6 -3.96 -2.66 -3.50
N LYS A 7 -5.07 -2.56 -4.21
CA LYS A 7 -6.22 -3.39 -3.95
C LYS A 7 -6.17 -4.66 -4.79
N THR A 8 -5.77 -5.73 -4.14
CA THR A 8 -5.81 -7.05 -4.76
C THR A 8 -7.16 -7.71 -4.51
N ALA A 9 -7.61 -8.51 -5.47
CA ALA A 9 -8.94 -9.11 -5.48
C ALA A 9 -9.20 -10.02 -4.27
N ASP A 10 -8.16 -10.26 -3.48
CA ASP A 10 -8.31 -11.01 -2.24
C ASP A 10 -9.12 -10.19 -1.23
N GLY A 11 -9.35 -8.93 -1.56
CA GLY A 11 -10.15 -8.06 -0.74
C GLY A 11 -9.33 -7.33 0.30
N LYS A 12 -8.08 -7.03 -0.05
CA LYS A 12 -7.21 -6.29 0.86
C LYS A 12 -6.37 -5.27 0.12
N THR A 13 -6.43 -4.04 0.59
CA THR A 13 -5.67 -2.95 0.02
C THR A 13 -4.50 -2.60 0.93
N TYR A 14 -3.37 -2.22 0.34
CA TYR A 14 -2.18 -1.93 1.12
C TYR A 14 -1.40 -0.81 0.46
N TYR A 15 -0.87 0.09 1.26
CA TYR A 15 -0.16 1.24 0.72
C TYR A 15 1.31 0.90 0.56
N TYR A 16 1.74 0.76 -0.68
CA TYR A 16 3.12 0.43 -0.95
C TYR A 16 3.92 1.71 -1.07
N ASN A 17 4.93 1.82 -0.23
CA ASN A 17 5.79 2.99 -0.17
C ASN A 17 6.95 2.80 -1.12
N ASN A 18 7.02 3.63 -2.14
CA ASN A 18 8.08 3.54 -3.13
C ASN A 18 9.39 4.11 -2.59
N ARG A 19 9.26 4.93 -1.56
CA ARG A 19 10.42 5.62 -0.98
C ARG A 19 11.14 4.74 0.04
N THR A 20 10.41 3.82 0.65
CA THR A 20 11.00 2.94 1.65
C THR A 20 10.89 1.46 1.25
N ALA A 21 10.24 1.21 0.12
CA ALA A 21 10.08 -0.15 -0.41
C ALA A 21 9.34 -1.06 0.57
N GLU A 22 8.37 -0.49 1.26
CA GLU A 22 7.62 -1.23 2.29
C GLU A 22 6.15 -1.32 1.92
N SER A 23 5.49 -2.38 2.33
CA SER A 23 4.05 -2.48 2.20
C SER A 23 3.42 -2.12 3.55
N THR A 24 2.84 -0.93 3.62
CA THR A 24 2.29 -0.41 4.86
C THR A 24 0.81 -0.80 4.98
N TRP A 25 0.52 -1.61 6.00
CA TRP A 25 -0.85 -2.04 6.26
C TRP A 25 -1.46 -1.20 7.37
N GLU A 26 -0.65 -0.29 7.89
CA GLU A 26 -1.09 0.68 8.87
C GLU A 26 -1.76 1.83 8.15
N LYS A 27 -3.03 2.07 8.45
CA LYS A 27 -3.77 3.11 7.77
C LYS A 27 -3.41 4.48 8.32
N PRO A 28 -2.85 5.35 7.46
CA PRO A 28 -2.56 6.73 7.80
C PRO A 28 -3.77 7.63 7.55
N SER A 1 0.84 10.47 -6.32
CA SER A 1 0.73 9.94 -4.94
C SER A 1 1.80 8.88 -4.69
N GLU A 2 2.59 9.07 -3.64
CA GLU A 2 3.67 8.16 -3.32
C GLU A 2 3.15 6.95 -2.54
N TRP A 3 1.90 7.06 -2.08
CA TRP A 3 1.26 5.94 -1.39
C TRP A 3 0.30 5.24 -2.36
N THR A 4 0.68 4.06 -2.82
CA THR A 4 -0.16 3.30 -3.72
C THR A 4 -1.11 2.40 -2.95
N GLU A 5 -2.40 2.58 -3.19
CA GLU A 5 -3.40 1.73 -2.58
C GLU A 5 -3.67 0.53 -3.48
N ARG A 6 -3.06 -0.61 -3.16
CA ARG A 6 -3.14 -1.75 -4.07
C ARG A 6 -4.29 -2.64 -3.67
N LYS A 7 -5.38 -2.51 -4.40
CA LYS A 7 -6.57 -3.24 -4.09
C LYS A 7 -6.57 -4.59 -4.81
N THR A 8 -6.21 -5.62 -4.07
CA THR A 8 -6.24 -6.98 -4.61
C THR A 8 -7.60 -7.63 -4.39
N ALA A 9 -7.97 -8.52 -5.31
CA ALA A 9 -9.31 -9.10 -5.36
C ALA A 9 -9.62 -10.05 -4.21
N ASP A 10 -8.70 -10.18 -3.26
CA ASP A 10 -8.98 -10.92 -2.04
C ASP A 10 -9.75 -10.03 -1.09
N GLY A 11 -9.82 -8.75 -1.43
CA GLY A 11 -10.50 -7.78 -0.59
C GLY A 11 -9.54 -7.15 0.40
N LYS A 12 -8.29 -7.00 0.00
CA LYS A 12 -7.28 -6.41 0.86
C LYS A 12 -6.41 -5.42 0.09
N THR A 13 -6.48 -4.17 0.52
CA THR A 13 -5.70 -3.11 -0.08
C THR A 13 -4.47 -2.82 0.78
N TYR A 14 -3.36 -2.45 0.15
CA TYR A 14 -2.13 -2.20 0.89
C TYR A 14 -1.34 -1.10 0.22
N TYR A 15 -0.67 -0.30 1.03
CA TYR A 15 0.04 0.85 0.53
C TYR A 15 1.48 0.51 0.19
N TYR A 16 1.75 0.47 -1.10
CA TYR A 16 3.08 0.19 -1.61
C TYR A 16 3.83 1.51 -1.75
N ASN A 17 4.89 1.67 -0.97
CA ASN A 17 5.65 2.91 -0.95
C ASN A 17 7.09 2.65 -1.36
N ASN A 18 7.68 3.61 -2.07
CA ASN A 18 9.02 3.45 -2.57
C ASN A 18 10.00 4.36 -1.82
N ARG A 19 9.55 5.00 -0.74
CA ARG A 19 10.42 5.88 0.03
C ARG A 19 11.58 5.09 0.63
N THR A 20 11.28 3.97 1.25
CA THR A 20 12.31 3.01 1.66
C THR A 20 12.06 1.67 0.98
N ALA A 21 11.00 1.61 0.17
CA ALA A 21 10.53 0.38 -0.48
C ALA A 21 9.79 -0.49 0.53
N GLU A 22 8.95 0.16 1.32
CA GLU A 22 8.23 -0.50 2.41
C GLU A 22 6.80 -0.81 2.02
N SER A 23 6.29 -1.92 2.52
CA SER A 23 4.89 -2.27 2.34
C SER A 23 4.10 -1.86 3.59
N THR A 24 3.23 -0.87 3.44
CA THR A 24 2.49 -0.33 4.56
C THR A 24 1.06 -0.86 4.59
N TRP A 25 0.69 -1.46 5.72
CA TRP A 25 -0.66 -2.01 5.90
C TRP A 25 -1.43 -1.20 6.94
N GLU A 26 -0.76 -0.21 7.50
CA GLU A 26 -1.37 0.71 8.44
C GLU A 26 -2.04 1.85 7.68
N LYS A 27 -3.24 2.21 8.09
CA LYS A 27 -4.01 3.24 7.41
C LYS A 27 -3.68 4.63 7.94
N PRO A 28 -3.09 5.48 7.09
CA PRO A 28 -2.85 6.88 7.41
C PRO A 28 -4.09 7.73 7.10
N SER A 1 -0.21 12.32 -4.78
CA SER A 1 -0.07 11.06 -4.00
C SER A 1 1.06 10.22 -4.55
N GLU A 2 2.02 9.90 -3.70
CA GLU A 2 3.12 9.02 -4.07
C GLU A 2 2.93 7.64 -3.44
N TRP A 3 1.75 7.45 -2.87
CA TRP A 3 1.42 6.21 -2.19
C TRP A 3 0.62 5.29 -3.10
N THR A 4 1.06 4.04 -3.20
CA THR A 4 0.39 3.07 -4.06
C THR A 4 -0.70 2.33 -3.28
N GLU A 5 -1.92 2.39 -3.80
CA GLU A 5 -3.00 1.57 -3.30
C GLU A 5 -3.19 0.37 -4.23
N ARG A 6 -2.81 -0.81 -3.78
CA ARG A 6 -2.95 -1.98 -4.63
C ARG A 6 -4.10 -2.84 -4.15
N LYS A 7 -5.18 -2.80 -4.90
CA LYS A 7 -6.39 -3.47 -4.52
C LYS A 7 -6.41 -4.89 -5.06
N THR A 8 -6.04 -5.81 -4.21
CA THR A 8 -6.06 -7.23 -4.54
C THR A 8 -7.42 -7.85 -4.19
N ALA A 9 -7.84 -8.84 -4.98
CA ALA A 9 -9.17 -9.44 -4.88
C ALA A 9 -9.37 -10.26 -3.61
N ASP A 10 -8.47 -10.11 -2.65
CA ASP A 10 -8.62 -10.73 -1.34
C ASP A 10 -9.50 -9.86 -0.45
N GLY A 11 -9.85 -8.69 -0.95
CA GLY A 11 -10.60 -7.73 -0.17
C GLY A 11 -9.68 -6.81 0.60
N LYS A 12 -8.46 -6.68 0.13
CA LYS A 12 -7.44 -5.90 0.81
C LYS A 12 -6.62 -5.09 -0.19
N THR A 13 -6.46 -3.82 0.10
CA THR A 13 -5.54 -2.97 -0.63
C THR A 13 -4.30 -2.76 0.22
N TYR A 14 -3.15 -2.57 -0.41
CA TYR A 14 -1.94 -2.35 0.36
C TYR A 14 -1.23 -1.13 -0.13
N TYR A 15 -0.80 -0.31 0.81
CA TYR A 15 -0.14 0.94 0.50
C TYR A 15 1.36 0.69 0.41
N TYR A 16 1.89 0.80 -0.78
CA TYR A 16 3.30 0.56 -1.02
C TYR A 16 4.08 1.84 -0.82
N ASN A 17 5.05 1.80 0.09
CA ASN A 17 5.84 2.97 0.43
C ASN A 17 7.05 3.04 -0.46
N ASN A 18 7.12 4.09 -1.27
CA ASN A 18 8.19 4.25 -2.25
C ASN A 18 9.49 4.72 -1.58
N ARG A 19 9.38 5.17 -0.33
CA ARG A 19 10.52 5.72 0.37
C ARG A 19 11.37 4.62 1.00
N THR A 20 10.73 3.55 1.43
CA THR A 20 11.42 2.45 2.05
C THR A 20 11.23 1.14 1.29
N ALA A 21 10.42 1.21 0.21
CA ALA A 21 10.12 0.04 -0.63
C ALA A 21 9.41 -1.04 0.17
N GLU A 22 8.62 -0.61 1.15
CA GLU A 22 7.96 -1.52 2.07
C GLU A 22 6.45 -1.48 1.88
N SER A 23 5.78 -2.59 2.16
CA SER A 23 4.34 -2.61 2.08
C SER A 23 3.74 -2.24 3.44
N THR A 24 3.17 -1.04 3.50
CA THR A 24 2.57 -0.53 4.72
C THR A 24 1.09 -0.86 4.78
N TRP A 25 0.70 -1.61 5.80
CA TRP A 25 -0.69 -2.04 5.94
C TRP A 25 -1.40 -1.24 7.02
N GLU A 26 -0.67 -0.30 7.62
CA GLU A 26 -1.23 0.62 8.59
C GLU A 26 -1.78 1.83 7.86
N LYS A 27 -2.93 2.33 8.31
CA LYS A 27 -3.64 3.43 7.64
C LYS A 27 -2.88 4.76 7.79
N PRO A 28 -2.30 5.28 6.69
CA PRO A 28 -1.70 6.61 6.66
C PRO A 28 -2.70 7.65 6.15
N SER A 1 0.42 10.53 -5.67
CA SER A 1 1.09 10.56 -4.36
C SER A 1 1.99 9.35 -4.21
N GLU A 2 2.91 9.40 -3.24
CA GLU A 2 3.89 8.35 -3.06
C GLU A 2 3.25 7.08 -2.50
N TRP A 3 2.23 7.27 -1.67
CA TRP A 3 1.59 6.15 -1.00
C TRP A 3 0.44 5.62 -1.84
N THR A 4 0.71 4.52 -2.55
CA THR A 4 -0.26 3.94 -3.46
C THR A 4 -1.12 2.91 -2.75
N GLU A 5 -2.42 2.94 -3.03
CA GLU A 5 -3.31 1.92 -2.53
C GLU A 5 -3.38 0.80 -3.54
N ARG A 6 -2.98 -0.39 -3.11
CA ARG A 6 -2.91 -1.52 -4.02
C ARG A 6 -4.14 -2.37 -3.86
N LYS A 7 -4.94 -2.42 -4.91
CA LYS A 7 -6.16 -3.16 -4.88
C LYS A 7 -5.91 -4.58 -5.33
N THR A 8 -5.59 -5.43 -4.38
CA THR A 8 -5.39 -6.83 -4.65
C THR A 8 -6.70 -7.60 -4.51
N ALA A 9 -7.00 -8.44 -5.50
CA ALA A 9 -8.27 -9.17 -5.57
C ALA A 9 -8.40 -10.22 -4.47
N ASP A 10 -7.37 -10.34 -3.65
CA ASP A 10 -7.37 -11.27 -2.52
C ASP A 10 -8.19 -10.68 -1.35
N GLY A 11 -8.68 -9.46 -1.54
CA GLY A 11 -9.49 -8.83 -0.53
C GLY A 11 -8.66 -8.02 0.45
N LYS A 12 -7.64 -7.34 -0.07
CA LYS A 12 -6.81 -6.49 0.76
C LYS A 12 -6.24 -5.33 -0.04
N THR A 13 -6.54 -4.12 0.41
CA THR A 13 -5.96 -2.92 -0.16
C THR A 13 -4.92 -2.36 0.80
N TYR A 14 -3.73 -2.04 0.30
CA TYR A 14 -2.64 -1.66 1.17
C TYR A 14 -1.76 -0.62 0.51
N TYR A 15 -1.18 0.26 1.33
CA TYR A 15 -0.40 1.37 0.80
C TYR A 15 1.06 0.98 0.64
N TYR A 16 1.45 0.70 -0.59
CA TYR A 16 2.81 0.30 -0.89
C TYR A 16 3.55 1.46 -1.57
N ASN A 17 4.75 1.75 -1.09
CA ASN A 17 5.56 2.81 -1.68
C ASN A 17 6.92 2.27 -2.11
N ASN A 18 7.28 2.54 -3.35
CA ASN A 18 8.57 2.12 -3.90
C ASN A 18 9.74 2.88 -3.26
N ARG A 19 9.43 3.87 -2.43
CA ARG A 19 10.45 4.67 -1.74
C ARG A 19 11.37 3.77 -0.92
N THR A 20 10.78 2.99 -0.04
CA THR A 20 11.53 2.12 0.85
C THR A 20 11.15 0.66 0.63
N ALA A 21 10.22 0.44 -0.31
CA ALA A 21 9.55 -0.86 -0.44
C ALA A 21 8.73 -1.10 0.82
N GLU A 22 8.07 -0.03 1.25
CA GLU A 22 7.37 -0.02 2.52
C GLU A 22 5.94 -0.47 2.32
N SER A 23 5.54 -1.49 3.06
CA SER A 23 4.17 -1.94 3.05
C SER A 23 3.41 -1.36 4.24
N THR A 24 2.62 -0.35 3.97
CA THR A 24 1.82 0.30 4.99
C THR A 24 0.45 -0.35 5.09
N TRP A 25 0.23 -1.07 6.18
CA TRP A 25 -1.03 -1.75 6.42
C TRP A 25 -1.86 -0.98 7.44
N GLU A 26 -1.22 0.00 8.06
CA GLU A 26 -1.91 0.90 8.97
C GLU A 26 -2.45 2.08 8.19
N LYS A 27 -3.55 2.65 8.67
CA LYS A 27 -4.17 3.78 8.00
C LYS A 27 -3.55 5.09 8.48
N PRO A 28 -2.86 5.81 7.58
CA PRO A 28 -2.33 7.13 7.85
C PRO A 28 -3.34 8.21 7.51
N SER A 1 2.29 10.99 -6.68
CA SER A 1 1.68 9.80 -6.05
C SER A 1 2.74 9.02 -5.29
N GLU A 2 2.74 9.15 -3.98
CA GLU A 2 3.78 8.55 -3.16
C GLU A 2 3.25 7.32 -2.44
N TRP A 3 1.96 7.08 -2.59
CA TRP A 3 1.31 5.96 -1.93
C TRP A 3 0.55 5.12 -2.95
N THR A 4 1.00 3.89 -3.15
CA THR A 4 0.29 2.97 -4.02
C THR A 4 -0.73 2.19 -3.23
N GLU A 5 -2.00 2.43 -3.51
CA GLU A 5 -3.04 1.61 -2.94
C GLU A 5 -3.29 0.47 -3.89
N ARG A 6 -3.18 -0.75 -3.39
CA ARG A 6 -3.37 -1.90 -4.25
C ARG A 6 -4.61 -2.65 -3.87
N LYS A 7 -5.63 -2.50 -4.69
CA LYS A 7 -6.90 -3.13 -4.44
C LYS A 7 -6.91 -4.49 -5.10
N THR A 8 -6.52 -5.49 -4.34
CA THR A 8 -6.55 -6.86 -4.82
C THR A 8 -7.91 -7.49 -4.50
N ALA A 9 -8.35 -8.38 -5.38
CA ALA A 9 -9.68 -9.01 -5.27
C ALA A 9 -9.69 -10.07 -4.18
N ASP A 10 -8.65 -10.10 -3.37
CA ASP A 10 -8.58 -11.00 -2.23
C ASP A 10 -9.27 -10.35 -1.04
N GLY A 11 -9.71 -9.11 -1.23
CA GLY A 11 -10.38 -8.38 -0.20
C GLY A 11 -9.41 -7.57 0.64
N LYS A 12 -8.38 -7.04 0.01
CA LYS A 12 -7.36 -6.29 0.72
C LYS A 12 -6.73 -5.22 -0.17
N THR A 13 -6.83 -3.98 0.28
CA THR A 13 -6.12 -2.88 -0.34
C THR A 13 -4.91 -2.54 0.51
N TYR A 14 -3.73 -2.49 -0.09
CA TYR A 14 -2.53 -2.26 0.70
C TYR A 14 -1.70 -1.14 0.10
N TYR A 15 -1.13 -0.32 0.96
CA TYR A 15 -0.41 0.86 0.52
C TYR A 15 1.08 0.57 0.50
N TYR A 16 1.66 0.56 -0.68
CA TYR A 16 3.08 0.32 -0.82
C TYR A 16 3.83 1.64 -0.74
N ASN A 17 4.81 1.69 0.15
CA ASN A 17 5.59 2.89 0.40
C ASN A 17 6.80 2.94 -0.52
N ASN A 18 6.82 3.91 -1.43
CA ASN A 18 7.93 4.05 -2.35
C ASN A 18 9.02 4.94 -1.76
N ARG A 19 8.81 5.39 -0.53
CA ARG A 19 9.75 6.29 0.13
C ARG A 19 11.01 5.53 0.56
N THR A 20 10.82 4.44 1.28
CA THR A 20 11.91 3.61 1.75
C THR A 20 11.80 2.19 1.18
N ALA A 21 10.76 1.97 0.39
CA ALA A 21 10.45 0.66 -0.19
C ALA A 21 10.05 -0.33 0.89
N GLU A 22 8.82 -0.19 1.35
CA GLU A 22 8.26 -1.06 2.38
C GLU A 22 6.75 -1.17 2.18
N SER A 23 6.17 -2.30 2.56
CA SER A 23 4.74 -2.49 2.39
C SER A 23 4.00 -2.00 3.63
N THR A 24 3.26 -0.91 3.48
CA THR A 24 2.58 -0.28 4.58
C THR A 24 1.16 -0.83 4.73
N TRP A 25 1.00 -1.70 5.71
CA TRP A 25 -0.32 -2.25 6.04
C TRP A 25 -0.94 -1.41 7.14
N GLU A 26 -0.21 -0.35 7.50
CA GLU A 26 -0.66 0.60 8.50
C GLU A 26 -1.49 1.69 7.82
N LYS A 27 -2.62 2.04 8.43
CA LYS A 27 -3.49 3.08 7.89
C LYS A 27 -2.87 4.47 8.08
N PRO A 28 -2.50 5.13 6.97
CA PRO A 28 -2.00 6.49 6.99
C PRO A 28 -3.13 7.51 6.79
N SER A 1 -0.11 12.05 -3.92
CA SER A 1 -0.18 10.75 -3.21
C SER A 1 1.10 9.97 -3.41
N GLU A 2 1.89 9.86 -2.36
CA GLU A 2 3.19 9.21 -2.43
C GLU A 2 3.04 7.72 -2.22
N TRP A 3 2.04 7.33 -1.44
CA TRP A 3 1.84 5.94 -1.08
C TRP A 3 0.75 5.32 -1.95
N THR A 4 1.08 4.19 -2.58
CA THR A 4 0.14 3.55 -3.49
C THR A 4 -0.74 2.55 -2.77
N GLU A 5 -2.04 2.71 -2.92
CA GLU A 5 -2.99 1.77 -2.35
C GLU A 5 -3.25 0.67 -3.37
N ARG A 6 -2.83 -0.54 -3.06
CA ARG A 6 -2.94 -1.62 -4.01
C ARG A 6 -4.13 -2.49 -3.67
N LYS A 7 -5.18 -2.35 -4.46
CA LYS A 7 -6.41 -3.08 -4.24
C LYS A 7 -6.38 -4.37 -5.04
N THR A 8 -5.87 -5.41 -4.42
CA THR A 8 -5.89 -6.73 -5.04
C THR A 8 -7.14 -7.50 -4.65
N ALA A 9 -7.66 -8.28 -5.60
CA ALA A 9 -8.88 -9.08 -5.42
C ALA A 9 -8.70 -10.15 -4.36
N ASP A 10 -7.48 -10.26 -3.84
CA ASP A 10 -7.19 -11.13 -2.71
C ASP A 10 -7.93 -10.62 -1.47
N GLY A 11 -8.46 -9.40 -1.57
CA GLY A 11 -9.22 -8.82 -0.50
C GLY A 11 -8.36 -8.03 0.46
N LYS A 12 -7.33 -7.39 -0.07
CA LYS A 12 -6.45 -6.57 0.76
C LYS A 12 -5.93 -5.36 -0.01
N THR A 13 -6.10 -4.19 0.59
CA THR A 13 -5.55 -2.96 0.04
C THR A 13 -4.40 -2.49 0.92
N TYR A 14 -3.24 -2.27 0.33
CA TYR A 14 -2.06 -1.93 1.11
C TYR A 14 -1.31 -0.80 0.45
N TYR A 15 -0.74 0.07 1.26
CA TYR A 15 -0.03 1.22 0.74
C TYR A 15 1.43 0.86 0.55
N TYR A 16 1.75 0.36 -0.64
CA TYR A 16 3.09 -0.04 -0.96
C TYR A 16 3.80 1.11 -1.65
N ASN A 17 4.98 1.44 -1.15
CA ASN A 17 5.75 2.53 -1.70
C ASN A 17 7.15 2.05 -2.03
N ASN A 18 7.61 2.40 -3.22
CA ASN A 18 8.96 2.09 -3.66
C ASN A 18 10.00 2.86 -2.85
N ARG A 19 9.58 3.96 -2.23
CA ARG A 19 10.49 4.78 -1.45
C ARG A 19 10.88 4.09 -0.14
N THR A 20 10.11 3.11 0.27
CA THR A 20 10.45 2.29 1.42
C THR A 20 10.58 0.82 1.06
N ALA A 21 10.18 0.46 -0.17
CA ALA A 21 10.13 -0.93 -0.61
C ALA A 21 9.28 -1.77 0.35
N GLU A 22 8.31 -1.12 0.99
CA GLU A 22 7.57 -1.73 2.08
C GLU A 22 6.08 -1.43 1.98
N SER A 23 5.27 -2.36 2.46
CA SER A 23 3.83 -2.20 2.48
C SER A 23 3.34 -1.66 3.82
N THR A 24 2.71 -0.49 3.77
CA THR A 24 2.11 0.11 4.95
C THR A 24 0.62 -0.23 4.99
N TRP A 25 0.16 -0.74 6.13
CA TRP A 25 -1.23 -1.11 6.29
C TRP A 25 -1.97 -0.05 7.10
N GLU A 26 -1.19 0.69 7.88
CA GLU A 26 -1.70 1.76 8.71
C GLU A 26 -2.33 2.85 7.84
N LYS A 27 -3.54 3.25 8.19
CA LYS A 27 -4.26 4.28 7.46
C LYS A 27 -3.69 5.67 7.75
N PRO A 28 -3.09 6.31 6.73
CA PRO A 28 -2.55 7.65 6.85
C PRO A 28 -3.58 8.72 6.50
N SER A 1 1.51 11.87 -4.52
CA SER A 1 1.45 10.89 -3.42
C SER A 1 2.18 9.61 -3.81
N GLU A 2 3.26 9.31 -3.09
CA GLU A 2 4.09 8.15 -3.37
C GLU A 2 3.50 6.89 -2.72
N TRP A 3 2.34 7.05 -2.09
CA TRP A 3 1.71 5.95 -1.37
C TRP A 3 0.58 5.36 -2.21
N THR A 4 0.82 4.20 -2.80
CA THR A 4 -0.20 3.53 -3.60
C THR A 4 -0.94 2.49 -2.77
N GLU A 5 -2.24 2.64 -2.67
CA GLU A 5 -3.06 1.63 -2.03
C GLU A 5 -3.51 0.61 -3.07
N ARG A 6 -2.94 -0.58 -2.99
CA ARG A 6 -3.17 -1.58 -3.99
C ARG A 6 -4.28 -2.52 -3.56
N LYS A 7 -5.46 -2.29 -4.11
CA LYS A 7 -6.63 -3.03 -3.71
C LYS A 7 -6.77 -4.29 -4.57
N THR A 8 -6.28 -5.38 -4.03
CA THR A 8 -6.35 -6.65 -4.72
C THR A 8 -7.64 -7.40 -4.37
N ALA A 9 -8.13 -8.17 -5.34
CA ALA A 9 -9.36 -8.96 -5.18
C ALA A 9 -9.17 -10.07 -4.14
N ASP A 10 -7.95 -10.17 -3.63
CA ASP A 10 -7.64 -11.08 -2.53
C ASP A 10 -8.33 -10.61 -1.25
N GLY A 11 -8.92 -9.41 -1.34
CA GLY A 11 -9.65 -8.86 -0.21
C GLY A 11 -8.77 -8.03 0.68
N LYS A 12 -7.70 -7.49 0.12
CA LYS A 12 -6.78 -6.69 0.90
C LYS A 12 -6.13 -5.60 0.05
N THR A 13 -6.11 -4.39 0.60
CA THR A 13 -5.39 -3.29 0.01
C THR A 13 -4.13 -3.00 0.82
N TYR A 14 -3.07 -2.60 0.15
CA TYR A 14 -1.82 -2.36 0.83
C TYR A 14 -1.10 -1.18 0.22
N TYR A 15 -0.55 -0.35 1.07
CA TYR A 15 0.09 0.88 0.64
C TYR A 15 1.56 0.62 0.34
N TYR A 16 1.87 0.45 -0.93
CA TYR A 16 3.22 0.13 -1.33
C TYR A 16 3.96 1.43 -1.58
N ASN A 17 4.92 1.70 -0.71
CA ASN A 17 5.67 2.94 -0.74
C ASN A 17 6.97 2.75 -1.51
N ASN A 18 7.17 3.59 -2.52
CA ASN A 18 8.37 3.54 -3.35
C ASN A 18 9.57 4.16 -2.63
N ARG A 19 9.28 4.91 -1.57
CA ARG A 19 10.32 5.60 -0.82
C ARG A 19 11.13 4.64 0.05
N THR A 20 10.47 3.64 0.61
CA THR A 20 11.15 2.67 1.46
C THR A 20 11.03 1.25 0.89
N ALA A 21 10.21 1.09 -0.15
CA ALA A 21 9.86 -0.24 -0.68
C ALA A 21 9.11 -1.04 0.38
N GLU A 22 8.31 -0.32 1.17
CA GLU A 22 7.64 -0.90 2.32
C GLU A 22 6.16 -1.14 2.01
N SER A 23 5.59 -2.15 2.65
CA SER A 23 4.16 -2.38 2.55
C SER A 23 3.46 -1.87 3.81
N THR A 24 2.75 -0.77 3.64
CA THR A 24 2.02 -0.12 4.71
C THR A 24 0.60 -0.67 4.79
N TRP A 25 0.24 -1.23 5.93
CA TRP A 25 -1.06 -1.88 6.08
C TRP A 25 -2.01 -1.04 6.92
N GLU A 26 -1.52 0.11 7.37
CA GLU A 26 -2.35 1.07 8.08
C GLU A 26 -2.60 2.29 7.20
N LYS A 27 -3.84 2.75 7.16
CA LYS A 27 -4.16 3.93 6.39
C LYS A 27 -3.64 5.18 7.11
N PRO A 28 -2.71 5.91 6.50
CA PRO A 28 -2.12 7.12 7.09
C PRO A 28 -3.16 8.22 7.27
N SER A 1 0.74 11.41 -3.75
CA SER A 1 0.49 10.29 -4.69
C SER A 1 1.61 9.25 -4.61
N GLU A 2 2.50 9.42 -3.64
CA GLU A 2 3.63 8.52 -3.47
C GLU A 2 3.19 7.23 -2.77
N TRP A 3 2.08 7.30 -2.06
CA TRP A 3 1.53 6.13 -1.39
C TRP A 3 0.49 5.46 -2.29
N THR A 4 0.84 4.32 -2.84
CA THR A 4 -0.04 3.61 -3.76
C THR A 4 -0.95 2.65 -3.02
N GLU A 5 -2.24 2.77 -3.27
CA GLU A 5 -3.20 1.83 -2.75
C GLU A 5 -3.37 0.70 -3.75
N ARG A 6 -2.96 -0.50 -3.37
CA ARG A 6 -2.99 -1.62 -4.31
C ARG A 6 -4.17 -2.49 -3.99
N LYS A 7 -5.17 -2.46 -4.86
CA LYS A 7 -6.39 -3.20 -4.63
C LYS A 7 -6.26 -4.60 -5.22
N THR A 8 -5.87 -5.51 -4.36
CA THR A 8 -5.77 -6.92 -4.71
C THR A 8 -7.11 -7.62 -4.44
N ALA A 9 -7.57 -8.40 -5.42
CA ALA A 9 -8.89 -9.04 -5.37
C ALA A 9 -8.99 -10.12 -4.31
N ASP A 10 -7.89 -10.32 -3.58
CA ASP A 10 -7.86 -11.25 -2.46
C ASP A 10 -8.57 -10.66 -1.24
N GLY A 11 -8.98 -9.40 -1.37
CA GLY A 11 -9.60 -8.71 -0.26
C GLY A 11 -8.59 -8.00 0.60
N LYS A 12 -7.56 -7.46 -0.05
CA LYS A 12 -6.52 -6.74 0.67
C LYS A 12 -5.99 -5.58 -0.15
N THR A 13 -6.25 -4.36 0.33
CA THR A 13 -5.65 -3.16 -0.22
C THR A 13 -4.48 -2.76 0.67
N TYR A 14 -3.39 -2.30 0.07
CA TYR A 14 -2.20 -1.97 0.85
C TYR A 14 -1.43 -0.84 0.20
N TYR A 15 -0.84 0.01 1.02
CA TYR A 15 -0.13 1.16 0.52
C TYR A 15 1.33 0.83 0.26
N TYR A 16 1.63 0.51 -0.98
CA TYR A 16 3.00 0.20 -1.37
C TYR A 16 3.69 1.48 -1.80
N ASN A 17 4.78 1.80 -1.13
CA ASN A 17 5.58 2.95 -1.46
C ASN A 17 7.04 2.56 -1.63
N ASN A 18 7.68 3.10 -2.66
CA ASN A 18 9.05 2.74 -2.99
C ASN A 18 10.06 3.51 -2.14
N ARG A 19 9.62 4.63 -1.57
CA ARG A 19 10.49 5.43 -0.71
C ARG A 19 10.82 4.65 0.56
N THR A 20 9.89 3.82 0.99
CA THR A 20 10.11 2.94 2.12
C THR A 20 10.35 1.51 1.64
N ALA A 21 9.83 1.22 0.44
CA ALA A 21 9.93 -0.11 -0.18
C ALA A 21 9.19 -1.15 0.65
N GLU A 22 8.08 -0.73 1.24
CA GLU A 22 7.29 -1.60 2.09
C GLU A 22 5.81 -1.25 1.98
N SER A 23 4.96 -2.25 2.17
CA SER A 23 3.51 -2.04 2.12
C SER A 23 2.98 -1.69 3.51
N THR A 24 2.39 -0.52 3.62
CA THR A 24 1.83 -0.06 4.87
C THR A 24 0.37 -0.50 4.97
N TRP A 25 0.04 -1.21 6.04
CA TRP A 25 -1.31 -1.67 6.26
C TRP A 25 -2.00 -0.79 7.30
N GLU A 26 -1.19 0.01 7.98
CA GLU A 26 -1.67 0.94 8.98
C GLU A 26 -2.03 2.27 8.33
N LYS A 27 -2.99 2.97 8.90
CA LYS A 27 -3.40 4.27 8.38
C LYS A 27 -2.37 5.34 8.72
N PRO A 28 -1.77 5.97 7.69
CA PRO A 28 -0.81 7.06 7.88
C PRO A 28 -1.48 8.33 8.40
N SER A 1 2.37 13.15 -2.49
CA SER A 1 2.22 11.90 -1.71
C SER A 1 2.14 10.70 -2.64
N GLU A 2 3.23 9.97 -2.77
CA GLU A 2 3.25 8.81 -3.65
C GLU A 2 3.02 7.54 -2.87
N TRP A 3 1.76 7.16 -2.76
CA TRP A 3 1.37 5.97 -2.02
C TRP A 3 0.36 5.16 -2.82
N THR A 4 0.76 3.96 -3.24
CA THR A 4 -0.09 3.12 -4.06
C THR A 4 -0.96 2.21 -3.22
N GLU A 5 -2.27 2.29 -3.40
CA GLU A 5 -3.16 1.33 -2.79
C GLU A 5 -3.38 0.17 -3.75
N ARG A 6 -2.88 -0.98 -3.37
CA ARG A 6 -2.90 -2.14 -4.24
C ARG A 6 -4.12 -2.99 -3.96
N LYS A 7 -4.99 -3.09 -4.94
CA LYS A 7 -6.23 -3.82 -4.78
C LYS A 7 -6.04 -5.28 -5.16
N THR A 8 -5.80 -6.10 -4.15
CA THR A 8 -5.69 -7.54 -4.37
C THR A 8 -7.05 -8.22 -4.23
N ALA A 9 -7.23 -9.31 -4.99
CA ALA A 9 -8.51 -10.01 -5.05
C ALA A 9 -8.81 -10.79 -3.77
N ASP A 10 -7.97 -10.63 -2.76
CA ASP A 10 -8.24 -11.20 -1.45
C ASP A 10 -9.21 -10.29 -0.70
N GLY A 11 -9.51 -9.15 -1.32
CA GLY A 11 -10.43 -8.20 -0.75
C GLY A 11 -9.74 -7.22 0.17
N LYS A 12 -8.53 -6.83 -0.20
CA LYS A 12 -7.75 -5.92 0.64
C LYS A 12 -6.82 -5.07 -0.21
N THR A 13 -6.83 -3.78 0.06
CA THR A 13 -5.92 -2.86 -0.60
C THR A 13 -4.85 -2.39 0.38
N TYR A 14 -3.60 -2.36 -0.06
CA TYR A 14 -2.51 -2.02 0.83
C TYR A 14 -1.65 -0.92 0.23
N TYR A 15 -1.14 -0.05 1.07
CA TYR A 15 -0.40 1.10 0.61
C TYR A 15 1.08 0.75 0.51
N TYR A 16 1.55 0.52 -0.70
CA TYR A 16 2.95 0.20 -0.92
C TYR A 16 3.75 1.47 -1.15
N ASN A 17 4.77 1.66 -0.32
CA ASN A 17 5.59 2.85 -0.34
C ASN A 17 6.80 2.67 -1.26
N ASN A 18 6.97 3.58 -2.19
CA ASN A 18 8.12 3.53 -3.10
C ASN A 18 9.31 4.26 -2.50
N ARG A 19 9.09 4.98 -1.41
CA ARG A 19 10.16 5.73 -0.76
C ARG A 19 11.18 4.80 -0.11
N THR A 20 10.69 3.82 0.62
CA THR A 20 11.56 2.87 1.31
C THR A 20 11.31 1.44 0.84
N ALA A 21 10.35 1.29 -0.08
CA ALA A 21 9.91 -0.03 -0.55
C ALA A 21 9.29 -0.81 0.61
N GLU A 22 8.31 -0.18 1.26
CA GLU A 22 7.67 -0.75 2.44
C GLU A 22 6.23 -1.12 2.12
N SER A 23 5.76 -2.23 2.66
CA SER A 23 4.35 -2.56 2.56
C SER A 23 3.60 -1.99 3.77
N THR A 24 2.93 -0.87 3.56
CA THR A 24 2.20 -0.19 4.61
C THR A 24 0.76 -0.69 4.68
N TRP A 25 0.44 -1.37 5.78
CA TRP A 25 -0.87 -1.97 5.95
C TRP A 25 -1.71 -1.14 6.91
N GLU A 26 -1.14 -0.07 7.42
CA GLU A 26 -1.85 0.85 8.29
C GLU A 26 -1.99 2.21 7.60
N LYS A 27 -3.23 2.67 7.45
CA LYS A 27 -3.53 3.91 6.74
C LYS A 27 -2.85 5.12 7.40
N PRO A 28 -1.91 5.78 6.69
CA PRO A 28 -1.26 7.00 7.16
C PRO A 28 -2.25 8.15 7.26
N SER A 1 4.93 11.21 -0.96
CA SER A 1 3.50 11.01 -0.60
C SER A 1 2.74 10.26 -1.70
N GLU A 2 3.49 9.62 -2.59
CA GLU A 2 2.90 8.84 -3.66
C GLU A 2 2.66 7.41 -3.22
N TRP A 3 1.55 7.20 -2.52
CA TRP A 3 1.24 5.88 -1.99
C TRP A 3 0.15 5.21 -2.81
N THR A 4 0.49 4.09 -3.42
CA THR A 4 -0.48 3.33 -4.20
C THR A 4 -1.19 2.33 -3.32
N GLU A 5 -2.51 2.33 -3.36
CA GLU A 5 -3.28 1.32 -2.66
C GLU A 5 -3.49 0.15 -3.61
N ARG A 6 -2.80 -0.94 -3.32
CA ARG A 6 -2.79 -2.06 -4.23
C ARG A 6 -3.92 -3.00 -3.87
N LYS A 7 -4.94 -2.96 -4.71
CA LYS A 7 -6.18 -3.65 -4.46
C LYS A 7 -6.15 -5.03 -5.10
N THR A 8 -5.77 -6.02 -4.31
CA THR A 8 -5.77 -7.40 -4.78
C THR A 8 -7.12 -8.06 -4.48
N ALA A 9 -7.53 -8.95 -5.37
CA ALA A 9 -8.85 -9.59 -5.31
C ALA A 9 -8.95 -10.52 -4.11
N ASP A 10 -7.86 -10.67 -3.40
CA ASP A 10 -7.85 -11.42 -2.14
C ASP A 10 -8.64 -10.65 -1.08
N GLY A 11 -9.02 -9.42 -1.42
CA GLY A 11 -9.85 -8.62 -0.55
C GLY A 11 -9.06 -7.78 0.42
N LYS A 12 -7.92 -7.27 -0.04
CA LYS A 12 -7.10 -6.41 0.80
C LYS A 12 -6.33 -5.40 -0.05
N THR A 13 -6.26 -4.18 0.44
CA THR A 13 -5.44 -3.16 -0.22
C THR A 13 -4.28 -2.78 0.70
N TYR A 14 -3.18 -2.39 0.10
CA TYR A 14 -2.01 -1.99 0.87
C TYR A 14 -1.29 -0.86 0.17
N TYR A 15 -0.82 0.11 0.94
CA TYR A 15 -0.21 1.31 0.37
C TYR A 15 1.29 1.09 0.19
N TYR A 16 1.67 0.76 -1.02
CA TYR A 16 3.06 0.43 -1.32
C TYR A 16 3.75 1.58 -2.03
N ASN A 17 4.89 1.98 -1.51
CA ASN A 17 5.69 3.04 -2.11
C ASN A 17 7.15 2.59 -2.16
N ASN A 18 7.77 2.77 -3.32
CA ASN A 18 9.15 2.35 -3.52
C ASN A 18 10.12 3.24 -2.74
N ARG A 19 9.58 4.30 -2.15
CA ARG A 19 10.36 5.22 -1.32
C ARG A 19 11.12 4.45 -0.25
N THR A 20 10.43 3.56 0.45
CA THR A 20 11.08 2.68 1.41
C THR A 20 10.86 1.22 1.01
N ALA A 21 10.12 1.01 -0.08
CA ALA A 21 9.72 -0.33 -0.53
C ALA A 21 8.87 -1.00 0.55
N GLU A 22 8.06 -0.19 1.22
CA GLU A 22 7.30 -0.62 2.36
C GLU A 22 5.83 -0.82 2.02
N SER A 23 5.24 -1.84 2.60
CA SER A 23 3.80 -2.04 2.53
C SER A 23 3.14 -1.37 3.73
N THR A 24 2.34 -0.35 3.48
CA THR A 24 1.68 0.38 4.54
C THR A 24 0.32 -0.24 4.83
N TRP A 25 0.17 -0.78 6.04
CA TRP A 25 -1.07 -1.41 6.46
C TRP A 25 -1.76 -0.56 7.51
N GLU A 26 -1.08 0.51 7.92
CA GLU A 26 -1.62 1.46 8.87
C GLU A 26 -2.30 2.61 8.14
N LYS A 27 -3.52 2.94 8.54
CA LYS A 27 -4.28 4.01 7.91
C LYS A 27 -3.71 5.37 8.27
N PRO A 28 -3.19 6.10 7.28
CA PRO A 28 -2.70 7.46 7.47
C PRO A 28 -3.80 8.49 7.26
N SER A 1 0.74 11.59 -2.83
CA SER A 1 0.71 10.79 -4.08
C SER A 1 1.81 9.72 -4.09
N GLU A 2 2.45 9.51 -2.95
CA GLU A 2 3.57 8.57 -2.87
C GLU A 2 3.12 7.22 -2.34
N TRP A 3 1.91 7.18 -1.81
CA TRP A 3 1.39 5.97 -1.18
C TRP A 3 0.34 5.32 -2.08
N THR A 4 0.69 4.16 -2.64
CA THR A 4 -0.22 3.47 -3.56
C THR A 4 -1.03 2.42 -2.82
N GLU A 5 -2.34 2.47 -3.00
CA GLU A 5 -3.19 1.40 -2.50
C GLU A 5 -3.31 0.33 -3.57
N ARG A 6 -2.81 -0.85 -3.27
CA ARG A 6 -2.89 -1.93 -4.23
C ARG A 6 -4.09 -2.77 -3.89
N LYS A 7 -5.18 -2.55 -4.59
CA LYS A 7 -6.41 -3.24 -4.29
C LYS A 7 -6.47 -4.54 -5.06
N THR A 8 -6.02 -5.59 -4.42
CA THR A 8 -6.02 -6.91 -5.02
C THR A 8 -7.33 -7.63 -4.72
N ALA A 9 -7.79 -8.43 -5.69
CA ALA A 9 -9.05 -9.17 -5.56
C ALA A 9 -8.94 -10.28 -4.51
N ASP A 10 -7.79 -10.33 -3.86
CA ASP A 10 -7.54 -11.24 -2.75
C ASP A 10 -8.33 -10.78 -1.52
N GLY A 11 -8.97 -9.63 -1.65
CA GLY A 11 -9.75 -9.08 -0.57
C GLY A 11 -8.93 -8.18 0.33
N LYS A 12 -7.86 -7.62 -0.22
CA LYS A 12 -6.98 -6.76 0.55
C LYS A 12 -6.32 -5.70 -0.33
N THR A 13 -6.34 -4.47 0.16
CA THR A 13 -5.56 -3.40 -0.44
C THR A 13 -4.42 -3.04 0.52
N TYR A 14 -3.28 -2.66 -0.02
CA TYR A 14 -2.14 -2.31 0.83
C TYR A 14 -1.40 -1.13 0.26
N TYR A 15 -0.87 -0.29 1.14
CA TYR A 15 -0.19 0.91 0.72
C TYR A 15 1.28 0.62 0.50
N TYR A 16 1.64 0.39 -0.74
CA TYR A 16 3.01 0.06 -1.04
C TYR A 16 3.79 1.33 -1.31
N ASN A 17 4.82 1.54 -0.52
CA ASN A 17 5.61 2.74 -0.56
C ASN A 17 6.84 2.55 -1.43
N ASN A 18 7.03 3.43 -2.40
CA ASN A 18 8.18 3.38 -3.29
C ASN A 18 9.40 4.03 -2.62
N ARG A 19 9.15 4.73 -1.52
CA ARG A 19 10.22 5.41 -0.80
C ARG A 19 11.09 4.41 -0.04
N THR A 20 10.45 3.45 0.61
CA THR A 20 11.17 2.47 1.42
C THR A 20 10.93 1.04 0.93
N ALA A 21 10.12 0.89 -0.13
CA ALA A 21 9.74 -0.42 -0.65
C ALA A 21 9.04 -1.24 0.44
N GLU A 22 8.16 -0.58 1.17
CA GLU A 22 7.50 -1.17 2.32
C GLU A 22 6.01 -1.36 2.08
N SER A 23 5.46 -2.43 2.63
CA SER A 23 4.03 -2.64 2.63
C SER A 23 3.40 -2.03 3.88
N THR A 24 2.81 -0.86 3.69
CA THR A 24 2.15 -0.13 4.75
C THR A 24 0.68 -0.52 4.82
N TRP A 25 0.20 -0.85 6.02
CA TRP A 25 -1.19 -1.27 6.19
C TRP A 25 -1.95 -0.28 7.06
N GLU A 26 -1.24 0.71 7.57
CA GLU A 26 -1.83 1.73 8.42
C GLU A 26 -2.09 3.00 7.64
N LYS A 27 -3.15 3.71 7.98
CA LYS A 27 -3.45 5.00 7.38
C LYS A 27 -2.69 6.10 8.13
N PRO A 28 -1.65 6.70 7.53
CA PRO A 28 -0.88 7.77 8.17
C PRO A 28 -1.70 9.05 8.33
N SER A 1 0.67 11.19 -5.61
CA SER A 1 0.42 9.74 -5.80
C SER A 1 1.62 8.93 -5.31
N GLU A 2 2.28 9.43 -4.27
CA GLU A 2 3.45 8.76 -3.69
C GLU A 2 3.04 7.48 -2.99
N TRP A 3 1.78 7.44 -2.56
CA TRP A 3 1.25 6.29 -1.85
C TRP A 3 0.44 5.41 -2.79
N THR A 4 0.82 4.14 -2.89
CA THR A 4 0.11 3.20 -3.74
C THR A 4 -0.91 2.42 -2.94
N GLU A 5 -2.18 2.64 -3.23
CA GLU A 5 -3.23 1.83 -2.65
C GLU A 5 -3.49 0.64 -3.56
N ARG A 6 -3.05 -0.54 -3.15
CA ARG A 6 -3.07 -1.67 -4.05
C ARG A 6 -4.31 -2.49 -3.81
N LYS A 7 -5.20 -2.48 -4.78
CA LYS A 7 -6.43 -3.22 -4.68
C LYS A 7 -6.25 -4.62 -5.22
N THR A 8 -6.01 -5.54 -4.31
CA THR A 8 -5.81 -6.93 -4.64
C THR A 8 -7.15 -7.67 -4.64
N ALA A 9 -7.38 -8.47 -5.67
CA ALA A 9 -8.65 -9.17 -5.87
C ALA A 9 -8.91 -10.22 -4.77
N ASP A 10 -7.98 -10.31 -3.84
CA ASP A 10 -8.12 -11.18 -2.68
C ASP A 10 -9.01 -10.51 -1.62
N GLY A 11 -9.34 -9.24 -1.87
CA GLY A 11 -10.18 -8.51 -0.96
C GLY A 11 -9.40 -7.78 0.10
N LYS A 12 -8.25 -7.22 -0.29
CA LYS A 12 -7.45 -6.43 0.64
C LYS A 12 -6.68 -5.34 -0.10
N THR A 13 -6.78 -4.13 0.40
CA THR A 13 -6.04 -3.00 -0.13
C THR A 13 -4.87 -2.67 0.79
N TYR A 14 -3.75 -2.24 0.25
CA TYR A 14 -2.59 -1.94 1.08
C TYR A 14 -1.75 -0.85 0.47
N TYR A 15 -1.14 -0.05 1.33
CA TYR A 15 -0.34 1.07 0.89
C TYR A 15 1.11 0.63 0.70
N TYR A 16 1.53 0.58 -0.53
CA TYR A 16 2.89 0.22 -0.85
C TYR A 16 3.74 1.48 -0.87
N ASN A 17 4.75 1.51 -0.02
CA ASN A 17 5.59 2.69 0.15
C ASN A 17 6.75 2.65 -0.82
N ASN A 18 6.73 3.55 -1.79
CA ASN A 18 7.75 3.59 -2.83
C ASN A 18 9.01 4.28 -2.34
N ARG A 19 8.89 5.04 -1.26
CA ARG A 19 10.01 5.83 -0.75
C ARG A 19 10.83 5.02 0.24
N THR A 20 10.21 4.05 0.89
CA THR A 20 10.91 3.23 1.87
C THR A 20 10.93 1.75 1.46
N ALA A 21 10.27 1.44 0.34
CA ALA A 21 10.22 0.07 -0.19
C ALA A 21 9.62 -0.90 0.84
N GLU A 22 8.52 -0.47 1.45
CA GLU A 22 7.87 -1.27 2.50
C GLU A 22 6.38 -1.35 2.26
N SER A 23 5.76 -2.44 2.69
CA SER A 23 4.32 -2.58 2.59
C SER A 23 3.64 -2.12 3.88
N THR A 24 2.98 -0.98 3.82
CA THR A 24 2.32 -0.39 4.96
C THR A 24 0.84 -0.81 5.00
N TRP A 25 0.43 -1.39 6.11
CA TRP A 25 -0.94 -1.88 6.24
C TRP A 25 -1.71 -1.04 7.26
N GLU A 26 -1.00 -0.12 7.90
CA GLU A 26 -1.59 0.81 8.85
C GLU A 26 -1.69 2.19 8.20
N LYS A 27 -2.70 2.97 8.59
CA LYS A 27 -2.89 4.31 8.05
C LYS A 27 -1.69 5.21 8.39
N PRO A 28 -0.91 5.63 7.37
CA PRO A 28 0.24 6.53 7.56
C PRO A 28 -0.19 7.90 8.08
N SER A 1 2.01 9.87 -7.18
CA SER A 1 1.47 9.12 -6.03
C SER A 1 2.58 8.36 -5.32
N GLU A 2 2.85 8.75 -4.08
CA GLU A 2 3.83 8.07 -3.25
C GLU A 2 3.14 6.96 -2.46
N TRP A 3 1.91 7.23 -2.07
CA TRP A 3 1.13 6.25 -1.32
C TRP A 3 0.25 5.46 -2.28
N THR A 4 0.69 4.25 -2.59
CA THR A 4 -0.05 3.39 -3.51
C THR A 4 -1.04 2.54 -2.76
N GLU A 5 -2.31 2.66 -3.12
CA GLU A 5 -3.31 1.77 -2.55
C GLU A 5 -3.42 0.54 -3.43
N ARG A 6 -2.78 -0.54 -3.00
CA ARG A 6 -2.70 -1.73 -3.82
C ARG A 6 -3.88 -2.64 -3.54
N LYS A 7 -4.90 -2.50 -4.36
CA LYS A 7 -6.11 -3.28 -4.19
C LYS A 7 -6.03 -4.57 -4.97
N THR A 8 -5.72 -5.63 -4.24
CA THR A 8 -5.66 -6.96 -4.80
C THR A 8 -7.02 -7.65 -4.74
N ALA A 9 -7.29 -8.53 -5.70
CA ALA A 9 -8.57 -9.23 -5.79
C ALA A 9 -8.77 -10.17 -4.60
N ASP A 10 -7.72 -10.30 -3.78
CA ASP A 10 -7.81 -11.04 -2.53
C ASP A 10 -8.73 -10.32 -1.55
N GLY A 11 -9.06 -9.07 -1.89
CA GLY A 11 -9.96 -8.30 -1.07
C GLY A 11 -9.22 -7.49 -0.03
N LYS A 12 -8.05 -7.01 -0.40
CA LYS A 12 -7.22 -6.25 0.52
C LYS A 12 -6.40 -5.19 -0.22
N THR A 13 -6.57 -3.95 0.20
CA THR A 13 -5.75 -2.86 -0.30
C THR A 13 -4.72 -2.48 0.76
N TYR A 14 -3.54 -2.07 0.31
CA TYR A 14 -2.46 -1.74 1.22
C TYR A 14 -1.62 -0.65 0.63
N TYR A 15 -1.14 0.25 1.47
CA TYR A 15 -0.43 1.42 0.98
C TYR A 15 1.04 1.11 0.88
N TYR A 16 1.49 0.85 -0.33
CA TYR A 16 2.86 0.49 -0.58
C TYR A 16 3.69 1.74 -0.84
N ASN A 17 4.75 1.89 -0.07
CA ASN A 17 5.61 3.05 -0.14
C ASN A 17 6.72 2.80 -1.14
N ASN A 18 6.77 3.60 -2.20
CA ASN A 18 7.80 3.41 -3.21
C ASN A 18 9.10 4.09 -2.79
N ARG A 19 9.03 4.93 -1.76
CA ARG A 19 10.22 5.51 -1.17
C ARG A 19 11.18 4.43 -0.67
N THR A 20 10.70 3.57 0.21
CA THR A 20 11.54 2.55 0.82
C THR A 20 11.15 1.15 0.37
N ALA A 21 10.12 1.06 -0.47
CA ALA A 21 9.63 -0.21 -1.01
C ALA A 21 9.04 -1.08 0.10
N GLU A 22 8.39 -0.45 1.06
CA GLU A 22 7.79 -1.14 2.20
C GLU A 22 6.26 -1.12 2.11
N SER A 23 5.61 -2.15 2.60
CA SER A 23 4.16 -2.21 2.58
C SER A 23 3.58 -1.70 3.89
N THR A 24 2.76 -0.67 3.81
CA THR A 24 2.12 -0.08 4.98
C THR A 24 0.66 -0.52 5.08
N TRP A 25 0.33 -1.24 6.13
CA TRP A 25 -1.02 -1.75 6.34
C TRP A 25 -1.72 -0.91 7.40
N GLU A 26 -0.95 -0.01 8.00
CA GLU A 26 -1.46 0.89 9.03
C GLU A 26 -1.96 2.17 8.38
N LYS A 27 -3.19 2.57 8.70
CA LYS A 27 -3.78 3.77 8.13
C LYS A 27 -3.19 5.02 8.79
N PRO A 28 -2.50 5.85 8.00
CA PRO A 28 -1.88 7.09 8.47
C PRO A 28 -2.90 8.21 8.64
N SER A 1 1.82 11.34 -4.18
CA SER A 1 1.54 10.07 -4.89
C SER A 1 2.45 8.97 -4.38
N GLU A 2 2.93 9.13 -3.16
CA GLU A 2 3.96 8.26 -2.62
C GLU A 2 3.37 6.94 -2.13
N TRP A 3 2.05 6.89 -2.06
CA TRP A 3 1.37 5.75 -1.48
C TRP A 3 0.43 5.13 -2.50
N THR A 4 0.78 3.94 -2.98
CA THR A 4 -0.06 3.22 -3.92
C THR A 4 -1.02 2.32 -3.18
N GLU A 5 -2.29 2.42 -3.49
CA GLU A 5 -3.28 1.53 -2.93
C GLU A 5 -3.40 0.32 -3.85
N ARG A 6 -2.87 -0.81 -3.40
CA ARG A 6 -2.86 -1.99 -4.23
C ARG A 6 -4.04 -2.86 -3.87
N LYS A 7 -5.08 -2.77 -4.67
CA LYS A 7 -6.31 -3.47 -4.37
C LYS A 7 -6.29 -4.84 -5.00
N THR A 8 -6.02 -5.83 -4.18
CA THR A 8 -6.07 -7.22 -4.60
C THR A 8 -7.47 -7.78 -4.39
N ALA A 9 -7.86 -8.73 -5.25
CA ALA A 9 -9.20 -9.30 -5.26
C ALA A 9 -9.46 -10.18 -4.04
N ASP A 10 -8.48 -10.24 -3.14
CA ASP A 10 -8.65 -10.93 -1.87
C ASP A 10 -9.48 -10.08 -0.93
N GLY A 11 -9.77 -8.85 -1.36
CA GLY A 11 -10.55 -7.95 -0.56
C GLY A 11 -9.68 -7.13 0.35
N LYS A 12 -8.46 -6.87 -0.08
CA LYS A 12 -7.53 -6.09 0.72
C LYS A 12 -6.68 -5.18 -0.16
N THR A 13 -6.68 -3.90 0.18
CA THR A 13 -5.78 -2.95 -0.43
C THR A 13 -4.65 -2.66 0.53
N TYR A 14 -3.47 -2.38 -0.01
CA TYR A 14 -2.32 -2.08 0.82
C TYR A 14 -1.50 -1.00 0.18
N TYR A 15 -0.99 -0.10 0.99
CA TYR A 15 -0.28 1.05 0.48
C TYR A 15 1.19 0.74 0.33
N TYR A 16 1.60 0.45 -0.89
CA TYR A 16 2.98 0.13 -1.18
C TYR A 16 3.73 1.41 -1.53
N ASN A 17 4.82 1.65 -0.82
CA ASN A 17 5.54 2.91 -0.93
C ASN A 17 6.96 2.71 -1.45
N ASN A 18 7.36 3.54 -2.39
CA ASN A 18 8.69 3.47 -3.00
C ASN A 18 9.72 4.30 -2.21
N ARG A 19 9.23 5.17 -1.33
CA ARG A 19 10.11 6.07 -0.59
C ARG A 19 10.95 5.30 0.43
N THR A 20 10.33 4.35 1.10
CA THR A 20 11.02 3.49 2.04
C THR A 20 11.01 2.04 1.55
N ALA A 21 10.38 1.82 0.39
CA ALA A 21 10.30 0.51 -0.25
C ALA A 21 9.53 -0.49 0.62
N GLU A 22 8.58 0.02 1.38
CA GLU A 22 7.86 -0.80 2.34
C GLU A 22 6.43 -1.02 1.89
N SER A 23 5.87 -2.17 2.27
CA SER A 23 4.45 -2.39 2.13
C SER A 23 3.75 -1.94 3.41
N THR A 24 3.08 -0.81 3.33
CA THR A 24 2.46 -0.21 4.49
C THR A 24 1.02 -0.72 4.66
N TRP A 25 0.81 -1.49 5.72
CA TRP A 25 -0.52 -1.97 6.06
C TRP A 25 -1.13 -1.09 7.13
N GLU A 26 -0.34 -0.11 7.55
CA GLU A 26 -0.80 0.90 8.50
C GLU A 26 -1.66 1.93 7.79
N LYS A 27 -2.84 2.19 8.32
CA LYS A 27 -3.71 3.21 7.75
C LYS A 27 -3.30 4.60 8.27
N PRO A 28 -2.72 5.45 7.41
CA PRO A 28 -2.36 6.81 7.80
C PRO A 28 -3.58 7.71 7.90
N SER A 1 -0.33 11.90 -4.41
CA SER A 1 -0.46 10.49 -3.99
C SER A 1 0.75 9.70 -4.44
N GLU A 2 1.68 9.47 -3.52
CA GLU A 2 2.88 8.68 -3.82
C GLU A 2 2.74 7.27 -3.26
N TRP A 3 1.75 7.08 -2.41
CA TRP A 3 1.47 5.77 -1.84
C TRP A 3 0.46 5.06 -2.72
N THR A 4 0.82 3.87 -3.17
CA THR A 4 -0.06 3.12 -4.06
C THR A 4 -0.99 2.24 -3.27
N GLU A 5 -2.28 2.42 -3.47
CA GLU A 5 -3.26 1.61 -2.80
C GLU A 5 -3.55 0.39 -3.65
N ARG A 6 -2.90 -0.71 -3.31
CA ARG A 6 -2.90 -1.88 -4.16
C ARG A 6 -4.07 -2.78 -3.78
N LYS A 7 -5.11 -2.70 -4.60
CA LYS A 7 -6.32 -3.45 -4.35
C LYS A 7 -6.30 -4.77 -5.11
N THR A 8 -5.92 -5.81 -4.40
CA THR A 8 -5.83 -7.13 -4.99
C THR A 8 -7.15 -7.88 -4.86
N ALA A 9 -7.40 -8.76 -5.83
CA ALA A 9 -8.65 -9.53 -5.90
C ALA A 9 -8.78 -10.47 -4.71
N ASP A 10 -7.70 -10.61 -3.95
CA ASP A 10 -7.71 -11.39 -2.71
C ASP A 10 -8.53 -10.67 -1.64
N GLY A 11 -8.92 -9.44 -1.93
CA GLY A 11 -9.77 -8.69 -1.03
C GLY A 11 -8.97 -7.88 -0.03
N LYS A 12 -7.89 -7.27 -0.48
CA LYS A 12 -7.08 -6.45 0.40
C LYS A 12 -6.39 -5.32 -0.37
N THR A 13 -6.46 -4.13 0.20
CA THR A 13 -5.79 -2.97 -0.35
C THR A 13 -4.66 -2.54 0.60
N TYR A 14 -3.49 -2.21 0.05
CA TYR A 14 -2.35 -1.84 0.88
C TYR A 14 -1.52 -0.78 0.19
N TYR A 15 -1.04 0.18 0.98
CA TYR A 15 -0.36 1.35 0.44
C TYR A 15 1.15 1.09 0.32
N TYR A 16 1.58 0.70 -0.85
CA TYR A 16 2.98 0.36 -1.08
C TYR A 16 3.72 1.55 -1.66
N ASN A 17 4.87 1.87 -1.09
CA ASN A 17 5.70 2.97 -1.58
C ASN A 17 7.16 2.55 -1.60
N ASN A 18 7.84 2.84 -2.71
CA ASN A 18 9.24 2.47 -2.89
C ASN A 18 10.17 3.36 -2.07
N ARG A 19 9.59 4.32 -1.34
CA ARG A 19 10.36 5.17 -0.43
C ARG A 19 11.18 4.31 0.53
N THR A 20 10.52 3.36 1.16
CA THR A 20 11.19 2.37 1.99
C THR A 20 10.94 0.97 1.46
N ALA A 21 10.17 0.89 0.37
CA ALA A 21 9.78 -0.38 -0.23
C ALA A 21 8.89 -1.20 0.71
N GLU A 22 8.08 -0.48 1.49
CA GLU A 22 7.26 -1.11 2.51
C GLU A 22 5.79 -1.06 2.15
N SER A 23 5.05 -2.05 2.61
CA SER A 23 3.60 -2.06 2.46
C SER A 23 2.96 -1.48 3.72
N THR A 24 2.30 -0.35 3.57
CA THR A 24 1.71 0.34 4.70
C THR A 24 0.27 -0.13 4.91
N TRP A 25 0.03 -0.75 6.06
CA TRP A 25 -1.30 -1.17 6.45
C TRP A 25 -1.85 -0.24 7.53
N GLU A 26 -0.93 0.37 8.28
CA GLU A 26 -1.30 1.34 9.30
C GLU A 26 -1.55 2.70 8.69
N LYS A 27 -2.65 3.33 9.04
CA LYS A 27 -2.94 4.69 8.59
C LYS A 27 -1.87 5.66 9.09
N PRO A 28 -1.19 6.35 8.16
CA PRO A 28 -0.12 7.30 8.49
C PRO A 28 -0.51 8.27 9.59
N SER A 1 2.60 9.18 -7.20
CA SER A 1 1.87 8.85 -5.95
C SER A 1 2.82 8.23 -4.94
N GLU A 2 2.87 8.83 -3.75
CA GLU A 2 3.80 8.41 -2.71
C GLU A 2 3.29 7.17 -1.97
N TRP A 3 1.99 7.12 -1.73
CA TRP A 3 1.40 6.01 -1.02
C TRP A 3 0.39 5.30 -1.90
N THR A 4 0.77 4.16 -2.44
CA THR A 4 -0.15 3.39 -3.26
C THR A 4 -0.85 2.34 -2.43
N GLU A 5 -2.13 2.53 -2.21
CA GLU A 5 -2.92 1.49 -1.58
C GLU A 5 -3.50 0.60 -2.67
N ARG A 6 -2.90 -0.57 -2.78
CA ARG A 6 -3.18 -1.48 -3.87
C ARG A 6 -4.32 -2.40 -3.53
N LYS A 7 -5.40 -2.28 -4.29
CA LYS A 7 -6.60 -3.04 -4.01
C LYS A 7 -6.56 -4.37 -4.74
N THR A 8 -6.25 -5.42 -4.01
CA THR A 8 -6.26 -6.76 -4.57
C THR A 8 -7.64 -7.40 -4.41
N ALA A 9 -7.99 -8.28 -5.35
CA ALA A 9 -9.32 -8.88 -5.45
C ALA A 9 -9.70 -9.68 -4.21
N ASP A 10 -8.70 -10.09 -3.43
CA ASP A 10 -8.95 -10.81 -2.18
C ASP A 10 -9.71 -9.94 -1.19
N GLY A 11 -9.78 -8.65 -1.50
CA GLY A 11 -10.44 -7.70 -0.63
C GLY A 11 -9.49 -7.11 0.38
N LYS A 12 -8.25 -6.94 -0.02
CA LYS A 12 -7.24 -6.36 0.86
C LYS A 12 -6.41 -5.33 0.09
N THR A 13 -6.18 -4.20 0.72
CA THR A 13 -5.36 -3.15 0.15
C THR A 13 -4.06 -3.03 0.92
N TYR A 14 -2.97 -2.68 0.25
CA TYR A 14 -1.70 -2.52 0.91
C TYR A 14 -0.94 -1.34 0.33
N TYR A 15 -0.24 -0.62 1.19
CA TYR A 15 0.46 0.58 0.78
C TYR A 15 1.87 0.25 0.35
N TYR A 16 2.07 0.14 -0.95
CA TYR A 16 3.40 -0.05 -1.49
C TYR A 16 4.01 1.32 -1.76
N ASN A 17 5.11 1.59 -1.09
CA ASN A 17 5.77 2.87 -1.20
C ASN A 17 7.16 2.71 -1.81
N ASN A 18 7.48 3.56 -2.78
CA ASN A 18 8.78 3.50 -3.45
C ASN A 18 9.77 4.49 -2.82
N ARG A 19 9.29 5.28 -1.86
CA ARG A 19 10.14 6.27 -1.21
C ARG A 19 11.16 5.60 -0.31
N THR A 20 10.70 4.68 0.52
CA THR A 20 11.58 3.95 1.43
C THR A 20 11.51 2.45 1.16
N ALA A 21 10.66 2.06 0.20
CA ALA A 21 10.38 0.66 -0.11
C ALA A 21 9.75 -0.02 1.11
N GLU A 22 8.44 0.12 1.22
CA GLU A 22 7.73 -0.35 2.40
C GLU A 22 6.35 -0.87 2.00
N SER A 23 5.83 -1.84 2.75
CA SER A 23 4.48 -2.32 2.55
C SER A 23 3.63 -2.06 3.80
N THR A 24 2.93 -0.95 3.76
CA THR A 24 2.16 -0.46 4.91
C THR A 24 0.71 -0.95 4.85
N TRP A 25 0.33 -1.81 5.79
CA TRP A 25 -1.02 -2.36 5.79
C TRP A 25 -1.97 -1.54 6.67
N GLU A 26 -1.41 -0.55 7.35
CA GLU A 26 -2.20 0.34 8.19
C GLU A 26 -2.43 1.66 7.48
N LYS A 27 -3.69 2.05 7.33
CA LYS A 27 -4.03 3.30 6.69
C LYS A 27 -3.77 4.48 7.64
N PRO A 28 -2.89 5.41 7.23
CA PRO A 28 -2.58 6.60 8.02
C PRO A 28 -3.78 7.53 8.17
N SER A 1 3.79 11.54 -3.39
CA SER A 1 3.18 10.64 -4.39
C SER A 1 3.62 9.21 -4.11
N GLU A 2 3.95 8.93 -2.85
CA GLU A 2 4.61 7.68 -2.49
C GLU A 2 3.60 6.58 -2.17
N TRP A 3 2.32 6.91 -2.20
CA TRP A 3 1.29 6.00 -1.71
C TRP A 3 0.53 5.35 -2.85
N THR A 4 0.71 4.04 -3.01
CA THR A 4 -0.07 3.28 -3.95
C THR A 4 -1.04 2.37 -3.22
N GLU A 5 -2.33 2.56 -3.45
CA GLU A 5 -3.33 1.68 -2.88
C GLU A 5 -3.57 0.52 -3.84
N ARG A 6 -3.19 -0.67 -3.42
CA ARG A 6 -3.18 -1.82 -4.29
C ARG A 6 -4.35 -2.71 -3.99
N LYS A 7 -5.33 -2.69 -4.88
CA LYS A 7 -6.55 -3.44 -4.66
C LYS A 7 -6.43 -4.86 -5.22
N THR A 8 -6.02 -5.76 -4.36
CA THR A 8 -5.94 -7.15 -4.74
C THR A 8 -7.26 -7.85 -4.44
N ALA A 9 -7.68 -8.71 -5.38
CA ALA A 9 -8.96 -9.42 -5.27
C ALA A 9 -8.95 -10.45 -4.15
N ASP A 10 -7.90 -10.40 -3.34
CA ASP A 10 -7.78 -11.27 -2.18
C ASP A 10 -8.63 -10.70 -1.04
N GLY A 11 -9.26 -9.57 -1.31
CA GLY A 11 -10.10 -8.92 -0.32
C GLY A 11 -9.35 -7.94 0.54
N LYS A 12 -8.26 -7.40 0.00
CA LYS A 12 -7.47 -6.42 0.74
C LYS A 12 -6.77 -5.43 -0.20
N THR A 13 -6.95 -4.14 0.11
CA THR A 13 -6.24 -3.08 -0.57
C THR A 13 -5.17 -2.54 0.39
N TYR A 14 -3.95 -2.34 -0.10
CA TYR A 14 -2.85 -2.01 0.79
C TYR A 14 -1.97 -0.93 0.20
N TYR A 15 -1.41 -0.10 1.06
CA TYR A 15 -0.60 1.02 0.61
C TYR A 15 0.85 0.60 0.49
N TYR A 16 1.37 0.57 -0.72
CA TYR A 16 2.77 0.29 -0.91
C TYR A 16 3.53 1.61 -0.90
N ASN A 17 4.54 1.68 -0.04
CA ASN A 17 5.30 2.90 0.16
C ASN A 17 6.47 2.95 -0.80
N ASN A 18 6.37 3.81 -1.80
CA ASN A 18 7.40 3.95 -2.82
C ASN A 18 8.64 4.65 -2.27
N ARG A 19 8.49 5.33 -1.14
CA ARG A 19 9.58 6.09 -0.58
C ARG A 19 10.55 5.19 0.18
N THR A 20 10.07 4.08 0.71
CA THR A 20 10.93 3.15 1.43
C THR A 20 10.95 1.77 0.75
N ALA A 21 10.08 1.59 -0.25
CA ALA A 21 9.88 0.30 -0.92
C ALA A 21 9.27 -0.72 0.06
N GLU A 22 8.62 -0.19 1.09
CA GLU A 22 8.05 -0.99 2.16
C GLU A 22 6.55 -1.18 1.94
N SER A 23 6.01 -2.30 2.40
CA SER A 23 4.57 -2.51 2.33
C SER A 23 3.91 -1.98 3.59
N THR A 24 3.08 -0.95 3.42
CA THR A 24 2.46 -0.25 4.53
C THR A 24 1.02 -0.73 4.74
N TRP A 25 0.76 -1.31 5.90
CA TRP A 25 -0.55 -1.83 6.23
C TRP A 25 -1.22 -0.96 7.30
N GLU A 26 -0.53 0.10 7.67
CA GLU A 26 -1.04 1.04 8.66
C GLU A 26 -1.63 2.27 7.97
N LYS A 27 -2.72 2.77 8.54
CA LYS A 27 -3.49 3.87 7.95
C LYS A 27 -2.80 5.22 8.16
N PRO A 28 -2.40 5.89 7.06
CA PRO A 28 -1.85 7.24 7.12
C PRO A 28 -2.95 8.29 7.02
N SER A 1 1.67 11.25 -3.71
CA SER A 1 2.30 10.50 -4.82
C SER A 1 3.15 9.35 -4.32
N GLU A 2 3.25 9.19 -3.00
CA GLU A 2 4.13 8.19 -2.42
C GLU A 2 3.38 6.94 -2.00
N TRP A 3 2.06 7.02 -2.02
CA TRP A 3 1.23 5.94 -1.48
C TRP A 3 0.31 5.36 -2.54
N THR A 4 0.66 4.16 -2.98
CA THR A 4 -0.17 3.43 -3.94
C THR A 4 -1.19 2.58 -3.20
N GLU A 5 -2.44 2.70 -3.58
CA GLU A 5 -3.47 1.83 -3.05
C GLU A 5 -3.58 0.61 -3.95
N ARG A 6 -3.17 -0.55 -3.44
CA ARG A 6 -3.13 -1.72 -4.29
C ARG A 6 -4.36 -2.55 -4.05
N LYS A 7 -5.20 -2.65 -5.07
CA LYS A 7 -6.47 -3.33 -4.95
C LYS A 7 -6.30 -4.80 -5.29
N THR A 8 -6.08 -5.58 -4.26
CA THR A 8 -5.92 -7.01 -4.38
C THR A 8 -7.26 -7.72 -4.29
N ALA A 9 -7.48 -8.70 -5.16
CA ALA A 9 -8.75 -9.44 -5.20
C ALA A 9 -8.84 -10.42 -4.04
N ASP A 10 -7.85 -10.37 -3.17
CA ASP A 10 -7.83 -11.17 -1.95
C ASP A 10 -8.65 -10.46 -0.87
N GLY A 11 -9.20 -9.30 -1.22
CA GLY A 11 -10.02 -8.56 -0.30
C GLY A 11 -9.22 -7.63 0.58
N LYS A 12 -8.15 -7.07 0.03
CA LYS A 12 -7.28 -6.20 0.81
C LYS A 12 -6.61 -5.13 -0.06
N THR A 13 -6.82 -3.89 0.32
CA THR A 13 -6.12 -2.77 -0.29
C THR A 13 -4.91 -2.43 0.58
N TYR A 14 -3.76 -2.22 -0.04
CA TYR A 14 -2.57 -1.96 0.75
C TYR A 14 -1.73 -0.88 0.11
N TYR A 15 -1.14 -0.05 0.94
CA TYR A 15 -0.37 1.08 0.45
C TYR A 15 1.08 0.67 0.28
N TYR A 16 1.50 0.63 -0.96
CA TYR A 16 2.87 0.26 -1.27
C TYR A 16 3.74 1.52 -1.29
N ASN A 17 4.76 1.52 -0.45
CA ASN A 17 5.65 2.65 -0.32
C ASN A 17 6.81 2.54 -1.28
N ASN A 18 6.94 3.53 -2.16
CA ASN A 18 8.02 3.54 -3.15
C ASN A 18 9.22 4.31 -2.62
N ARG A 19 9.07 4.91 -1.44
CA ARG A 19 10.13 5.74 -0.87
C ARG A 19 11.29 4.88 -0.38
N THR A 20 10.96 3.92 0.46
CA THR A 20 11.97 3.05 1.06
C THR A 20 11.70 1.59 0.69
N ALA A 21 10.63 1.37 -0.08
CA ALA A 21 10.15 0.04 -0.44
C ALA A 21 9.64 -0.69 0.79
N GLU A 22 8.38 -0.44 1.11
CA GLU A 22 7.76 -0.99 2.31
C GLU A 22 6.26 -1.19 2.08
N SER A 23 5.73 -2.26 2.62
CA SER A 23 4.30 -2.51 2.55
C SER A 23 3.61 -1.88 3.75
N THR A 24 2.86 -0.83 3.50
CA THR A 24 2.18 -0.09 4.55
C THR A 24 0.76 -0.61 4.72
N TRP A 25 0.53 -1.31 5.82
CA TRP A 25 -0.78 -1.88 6.11
C TRP A 25 -1.48 -1.09 7.20
N GLU A 26 -0.78 -0.08 7.71
CA GLU A 26 -1.33 0.82 8.71
C GLU A 26 -1.99 2.01 8.02
N LYS A 27 -3.15 2.42 8.51
CA LYS A 27 -3.93 3.48 7.88
C LYS A 27 -3.53 4.85 8.43
N PRO A 28 -2.92 5.69 7.57
CA PRO A 28 -2.56 7.05 7.93
C PRO A 28 -3.73 8.01 7.75
#